data_4Q1Q
#
_entry.id   4Q1Q
#
_cell.length_a   46.807
_cell.length_b   62.166
_cell.length_c   97.288
_cell.angle_alpha   90.00
_cell.angle_beta   90.90
_cell.angle_gamma   90.00
#
_symmetry.space_group_name_H-M   'P 1 21 1'
#
loop_
_entity.id
_entity.type
_entity.pdbx_description
1 polymer 'Adhesin/invasin TibA autotransporter'
2 non-polymer D-glycero-alpha-D-manno-heptopyranose
3 water water
#
_entity_poly.entity_id   1
_entity_poly.type   'polypeptide(L)'
_entity_poly.pdbx_seq_one_letter_code
;(MSE)DYKDDDDKAAYDNQTIGRGETSKS(MSE)HLSAGDTAKNTTINSGGKQYVSSGGSATSTTINIGGVQHVSSGGSA
TSSTINSGGHQHVSSGGSATNTTVNNGGRQTVFSGGSA(MSE)GTIINSGGDQYVISGGSATSASVTSGARQFVSSGGIV
KATSVNSGGRQYVRDGGSATDTVLNNTGRQFVSSGGSAAKTTINSGGG(MSE)YLYGGSATGTSIYNGGRQYVSSGGSAT
NTTVYSGGRQHVYIDGNVTETTITSGG(MSE)LQVEAGGSASKVIQNSGGAVITNTSAAVSGTNDNGSFSIAGGSAVN
(MSE)LLENGG
;
_entity_poly.pdbx_strand_id   A,B
#
# COMPACT_ATOMS: atom_id res chain seq x y z
N LYS A 9 30.36 -25.31 27.55
CA LYS A 9 30.80 -25.23 28.98
C LYS A 9 30.76 -23.79 29.49
N ALA A 10 31.36 -22.86 28.75
CA ALA A 10 31.52 -21.48 29.21
C ALA A 10 30.30 -20.59 28.93
N ALA A 11 30.13 -19.58 29.76
CA ALA A 11 28.97 -18.69 29.69
C ALA A 11 29.10 -17.55 30.70
N TYR A 12 29.30 -16.33 30.22
CA TYR A 12 29.67 -15.19 31.06
C TYR A 12 28.54 -14.18 31.23
N ASP A 13 28.65 -13.33 32.25
CA ASP A 13 27.61 -12.33 32.47
C ASP A 13 28.14 -11.07 33.15
N ASN A 14 27.65 -9.92 32.72
CA ASN A 14 28.08 -8.63 33.27
C ASN A 14 29.60 -8.51 33.44
N GLN A 15 30.33 -9.26 32.62
CA GLN A 15 31.77 -9.12 32.48
C GLN A 15 32.09 -7.82 31.73
N THR A 16 33.04 -7.06 32.26
CA THR A 16 33.62 -5.92 31.57
C THR A 16 35.04 -6.32 31.20
N ILE A 17 35.47 -5.97 30.00
CA ILE A 17 36.75 -6.44 29.45
C ILE A 17 37.47 -5.33 28.69
N GLY A 18 38.80 -5.44 28.64
CA GLY A 18 39.65 -4.50 27.93
C GLY A 18 40.73 -3.86 28.80
N ARG A 19 41.07 -2.62 28.46
CA ARG A 19 42.10 -1.79 29.09
C ARG A 19 42.82 -2.40 30.29
N GLY A 20 42.51 -1.95 31.50
CA GLY A 20 43.07 -2.49 32.73
C GLY A 20 42.02 -3.31 33.43
N GLU A 21 41.35 -4.16 32.66
CA GLU A 21 40.34 -5.05 33.18
C GLU A 21 41.00 -6.38 33.56
N THR A 22 40.19 -7.24 34.16
CA THR A 22 40.60 -8.60 34.52
C THR A 22 41.12 -9.44 33.34
N SER A 23 40.50 -9.28 32.18
CA SER A 23 40.90 -10.04 30.99
C SER A 23 40.77 -9.12 29.79
N LYS A 24 41.57 -9.41 28.77
CA LYS A 24 41.62 -8.59 27.57
C LYS A 24 40.79 -9.21 26.44
N SER A 25 41.10 -10.47 26.16
CA SER A 25 40.42 -11.25 25.14
C SER A 25 39.21 -11.98 25.74
N HIS A 27 36.75 -15.07 24.16
CA HIS A 27 36.53 -15.92 23.00
C HIS A 27 35.30 -16.76 23.27
N LEU A 28 34.54 -17.04 22.22
CA LEU A 28 33.35 -17.87 22.34
C LEU A 28 33.47 -18.94 21.27
N SER A 29 33.16 -20.18 21.64
CA SER A 29 33.09 -21.30 20.72
C SER A 29 31.72 -21.95 20.84
N ALA A 30 31.57 -23.10 20.18
CA ALA A 30 30.32 -23.84 20.09
C ALA A 30 29.69 -23.98 21.49
N GLY A 31 28.52 -23.38 21.67
CA GLY A 31 27.75 -23.53 22.90
C GLY A 31 28.01 -22.47 23.95
N ASP A 32 29.03 -21.64 23.72
CA ASP A 32 29.36 -20.59 24.66
C ASP A 32 28.35 -19.44 24.57
N THR A 33 28.32 -18.67 25.65
CA THR A 33 27.36 -17.60 25.84
C THR A 33 27.98 -16.41 26.54
N ALA A 34 27.55 -15.22 26.16
CA ALA A 34 28.02 -14.01 26.83
C ALA A 34 26.87 -13.01 26.86
N LYS A 35 26.61 -12.43 28.03
CA LYS A 35 25.49 -11.53 28.18
C LYS A 35 25.93 -10.26 28.93
N ASN A 36 25.34 -9.14 28.54
CA ASN A 36 25.65 -7.83 29.10
C ASN A 36 27.15 -7.57 29.27
N THR A 37 27.95 -8.04 28.32
CA THR A 37 29.38 -7.72 28.30
C THR A 37 29.58 -6.25 27.96
N THR A 38 30.58 -5.63 28.58
CA THR A 38 30.96 -4.27 28.26
C THR A 38 32.38 -4.33 27.75
N ILE A 39 32.60 -3.96 26.47
CA ILE A 39 33.92 -3.99 25.84
C ILE A 39 34.51 -2.59 25.80
N ASN A 40 35.57 -2.39 26.58
CA ASN A 40 36.24 -1.10 26.64
C ASN A 40 37.62 -1.15 25.99
N SER A 41 38.25 0.01 25.93
CA SER A 41 39.45 0.24 25.13
C SER A 41 40.46 -0.90 25.25
N GLY A 42 40.91 -1.43 24.12
CA GLY A 42 41.85 -2.56 24.11
C GLY A 42 41.17 -3.91 24.24
N GLY A 43 39.88 -3.90 24.58
CA GLY A 43 39.06 -5.11 24.63
C GLY A 43 38.65 -5.71 23.30
N LYS A 44 38.91 -7.01 23.15
CA LYS A 44 38.48 -7.79 21.99
C LYS A 44 37.55 -8.96 22.38
N GLN A 45 36.32 -8.95 21.86
CA GLN A 45 35.44 -10.12 21.91
C GLN A 45 35.39 -10.85 20.56
N TYR A 46 35.71 -12.13 20.57
CA TYR A 46 35.67 -12.93 19.36
C TYR A 46 34.54 -13.93 19.49
N VAL A 47 33.53 -13.80 18.64
CA VAL A 47 32.38 -14.71 18.65
C VAL A 47 32.52 -15.70 17.50
N SER A 48 32.93 -16.93 17.80
CA SER A 48 33.18 -17.93 16.75
C SER A 48 32.02 -18.87 16.47
N SER A 49 32.23 -19.86 15.61
CA SER A 49 31.10 -20.71 15.20
C SER A 49 30.36 -21.32 16.39
N GLY A 50 29.05 -21.13 16.40
CA GLY A 50 28.18 -21.65 17.45
C GLY A 50 28.22 -20.85 18.74
N GLY A 51 29.05 -19.82 18.79
CA GLY A 51 29.01 -18.86 19.89
C GLY A 51 27.85 -17.88 19.76
N SER A 52 27.45 -17.30 20.89
CA SER A 52 26.38 -16.31 20.91
C SER A 52 26.65 -15.22 21.94
N ALA A 53 26.82 -14.00 21.46
CA ALA A 53 26.91 -12.83 22.33
C ALA A 53 25.57 -12.11 22.34
N THR A 54 25.21 -11.57 23.49
CA THR A 54 23.94 -10.91 23.68
C THR A 54 24.18 -9.68 24.53
N SER A 55 23.52 -8.58 24.16
CA SER A 55 23.51 -7.35 24.96
C SER A 55 24.91 -6.78 25.22
N THR A 56 25.82 -7.02 24.28
CA THR A 56 27.18 -6.52 24.44
C THR A 56 27.19 -5.02 24.22
N THR A 57 27.81 -4.29 25.14
CA THR A 57 28.05 -2.86 25.00
C THR A 57 29.49 -2.62 24.53
N ILE A 58 29.65 -1.85 23.45
CA ILE A 58 30.98 -1.65 22.85
C ILE A 58 31.36 -0.18 22.92
N ASN A 59 32.39 0.11 23.70
CA ASN A 59 32.83 1.48 23.94
C ASN A 59 34.17 1.77 23.26
N ILE A 60 34.54 3.06 23.30
CA ILE A 60 35.71 3.60 22.59
C ILE A 60 36.89 2.64 22.61
N GLY A 61 37.42 2.35 21.43
CA GLY A 61 38.58 1.47 21.30
C GLY A 61 38.30 0.03 21.63
N GLY A 62 37.06 -0.34 21.93
CA GLY A 62 36.65 -1.75 21.94
C GLY A 62 36.12 -2.33 20.63
N VAL A 63 36.46 -3.58 20.34
CA VAL A 63 35.98 -4.32 19.17
C VAL A 63 35.30 -5.67 19.46
N GLN A 64 34.11 -5.89 18.89
CA GLN A 64 33.43 -7.20 18.80
C GLN A 64 33.56 -7.82 17.41
N HIS A 65 34.27 -8.95 17.32
CA HIS A 65 34.42 -9.70 16.09
C HIS A 65 33.39 -10.82 16.01
N VAL A 66 32.56 -10.79 14.98
CA VAL A 66 31.61 -11.87 14.71
C VAL A 66 32.03 -12.73 13.53
N SER A 67 32.58 -13.89 13.84
CA SER A 67 33.14 -14.76 12.83
C SER A 67 32.11 -15.77 12.36
N SER A 68 32.53 -16.66 11.46
CA SER A 68 31.61 -17.55 10.77
C SER A 68 30.88 -18.46 11.72
N GLY A 69 29.56 -18.45 11.59
CA GLY A 69 28.69 -19.21 12.48
C GLY A 69 28.46 -18.52 13.81
N GLY A 70 29.08 -17.38 14.05
CA GLY A 70 28.87 -16.63 15.29
C GLY A 70 27.63 -15.78 15.21
N SER A 71 27.17 -15.30 16.36
CA SER A 71 25.91 -14.58 16.43
C SER A 71 26.02 -13.50 17.49
N ALA A 72 25.49 -12.33 17.22
CA ALA A 72 25.56 -11.24 18.19
C ALA A 72 24.24 -10.48 18.12
N THR A 73 23.47 -10.62 19.19
CA THR A 73 22.15 -10.02 19.26
C THR A 73 22.28 -8.84 20.21
N SER A 74 21.63 -7.76 19.84
CA SER A 74 21.48 -6.58 20.68
C SER A 74 22.79 -5.94 21.15
N SER A 75 23.88 -6.14 20.41
CA SER A 75 25.11 -5.38 20.63
C SER A 75 24.74 -3.92 20.55
N THR A 76 25.38 -3.09 21.37
CA THR A 76 25.17 -1.65 21.26
C THR A 76 26.52 -0.93 21.15
N ILE A 77 26.72 -0.17 20.07
CA ILE A 77 28.05 0.36 19.74
C ILE A 77 28.12 1.84 20.05
N ASN A 78 29.13 2.25 20.81
CA ASN A 78 29.29 3.66 21.17
C ASN A 78 30.58 4.30 20.66
N SER A 79 30.59 5.63 20.69
CA SER A 79 31.72 6.52 20.36
C SER A 79 33.03 5.76 20.33
N GLY A 80 33.56 5.51 19.14
CA GLY A 80 34.89 4.93 18.97
C GLY A 80 34.95 3.43 19.08
N GLY A 81 33.81 2.78 19.28
CA GLY A 81 33.79 1.32 19.20
C GLY A 81 33.41 0.73 17.85
N HIS A 82 33.74 -0.55 17.67
CA HIS A 82 33.58 -1.26 16.40
C HIS A 82 32.93 -2.63 16.55
N GLN A 83 31.90 -2.93 15.76
CA GLN A 83 31.45 -4.30 15.48
C GLN A 83 31.83 -4.72 14.07
N HIS A 84 32.66 -5.76 13.93
CA HIS A 84 33.03 -6.33 12.65
C HIS A 84 32.25 -7.62 12.47
N VAL A 85 31.32 -7.63 11.52
CA VAL A 85 30.61 -8.86 11.18
C VAL A 85 31.24 -9.48 9.95
N SER A 86 32.04 -10.49 10.23
CA SER A 86 32.78 -11.15 9.17
C SER A 86 31.98 -12.29 8.57
N SER A 87 32.60 -12.88 7.56
CA SER A 87 32.00 -13.86 6.68
C SER A 87 31.33 -14.97 7.49
N GLY A 88 30.02 -15.16 7.30
CA GLY A 88 29.31 -16.27 7.91
C GLY A 88 28.75 -15.83 9.24
N GLY A 89 29.26 -14.70 9.75
CA GLY A 89 28.75 -14.09 10.97
C GLY A 89 27.42 -13.37 10.82
N SER A 90 26.72 -13.23 11.93
CA SER A 90 25.35 -12.74 11.95
C SER A 90 25.20 -11.80 13.12
N ALA A 91 24.62 -10.64 12.86
CA ALA A 91 24.42 -9.62 13.87
C ALA A 91 22.95 -9.25 13.75
N THR A 92 22.28 -9.20 14.89
CA THR A 92 20.86 -8.93 14.89
C THR A 92 20.52 -7.83 15.89
N ASN A 93 19.70 -6.90 15.43
CA ASN A 93 19.19 -5.80 16.23
C ASN A 93 20.29 -5.01 16.93
N THR A 94 21.41 -4.82 16.23
CA THR A 94 22.51 -3.99 16.69
C THR A 94 22.07 -2.53 16.78
N THR A 95 22.58 -1.79 17.75
CA THR A 95 22.33 -0.35 17.93
C THR A 95 23.64 0.42 17.85
N VAL A 96 23.71 1.41 16.97
CA VAL A 96 24.98 2.10 16.71
C VAL A 96 24.76 3.55 17.10
N ASN A 97 25.54 4.03 18.07
CA ASN A 97 25.36 5.41 18.51
C ASN A 97 26.49 6.28 17.99
N ASN A 98 26.40 7.56 18.31
CA ASN A 98 27.42 8.55 18.00
C ASN A 98 28.83 7.99 18.04
N GLY A 99 29.48 8.02 16.89
CA GLY A 99 30.87 7.58 16.78
C GLY A 99 31.06 6.08 16.75
N GLY A 100 29.97 5.32 16.80
CA GLY A 100 30.06 3.87 16.67
C GLY A 100 30.01 3.42 15.23
N ARG A 101 30.67 2.30 14.94
CA ARG A 101 30.62 1.76 13.58
C ARG A 101 30.31 0.29 13.60
N GLN A 102 29.27 -0.10 12.87
CA GLN A 102 29.14 -1.50 12.46
C GLN A 102 29.65 -1.66 11.03
N THR A 103 30.52 -2.63 10.79
CA THR A 103 31.02 -2.91 9.45
C THR A 103 30.66 -4.35 9.16
N VAL A 104 30.03 -4.56 8.00
CA VAL A 104 29.69 -5.89 7.53
C VAL A 104 30.51 -6.23 6.29
N PHE A 105 31.41 -7.18 6.51
CA PHE A 105 32.40 -7.54 5.52
C PHE A 105 31.84 -8.62 4.61
N SER A 106 32.69 -9.14 3.75
CA SER A 106 32.26 -10.18 2.82
C SER A 106 31.61 -11.36 3.54
N GLY A 107 30.43 -11.77 3.11
CA GLY A 107 29.74 -12.94 3.65
C GLY A 107 29.04 -12.70 4.96
N GLY A 108 29.27 -11.56 5.61
CA GLY A 108 28.57 -11.16 6.83
C GLY A 108 27.16 -10.64 6.59
N SER A 109 26.37 -10.67 7.66
CA SER A 109 24.96 -10.33 7.58
C SER A 109 24.52 -9.56 8.82
N ALA A 110 23.80 -8.46 8.60
CA ALA A 110 23.24 -7.71 9.72
C ALA A 110 21.77 -7.58 9.42
N GLY A 112 18.26 -5.82 11.02
CA GLY A 112 17.53 -4.99 11.97
C GLY A 112 18.35 -3.91 12.67
N THR A 113 19.46 -3.50 12.07
CA THR A 113 20.39 -2.59 12.75
C THR A 113 19.72 -1.23 12.94
N ILE A 114 19.85 -0.66 14.14
CA ILE A 114 19.35 0.69 14.39
C ILE A 114 20.54 1.65 14.43
N ILE A 115 20.62 2.58 13.49
CA ILE A 115 21.74 3.53 13.46
C ILE A 115 21.30 4.87 14.02
N ASN A 116 21.90 5.28 15.13
CA ASN A 116 21.52 6.54 15.79
C ASN A 116 22.44 7.71 15.44
N SER A 117 22.09 8.88 15.96
CA SER A 117 22.78 10.12 15.63
C SER A 117 24.29 9.94 15.66
N GLY A 118 24.91 10.22 14.51
CA GLY A 118 26.35 10.16 14.36
C GLY A 118 26.90 8.76 14.23
N GLY A 119 26.01 7.78 14.10
CA GLY A 119 26.44 6.39 13.99
C GLY A 119 26.60 6.02 12.52
N ASP A 120 27.44 5.03 12.25
CA ASP A 120 27.71 4.62 10.88
C ASP A 120 27.65 3.10 10.72
N GLN A 121 27.04 2.68 9.62
CA GLN A 121 27.06 1.28 9.22
C GLN A 121 27.68 1.25 7.84
N TYR A 122 28.76 0.48 7.71
CA TYR A 122 29.40 0.21 6.42
C TYR A 122 29.08 -1.19 5.94
N VAL A 123 28.56 -1.32 4.72
CA VAL A 123 28.25 -2.63 4.21
C VAL A 123 29.07 -2.76 2.92
N ILE A 124 30.14 -3.54 2.99
CA ILE A 124 31.11 -3.55 1.91
C ILE A 124 31.48 -4.94 1.42
N SER A 125 32.18 -4.99 0.30
CA SER A 125 32.86 -6.22 -0.15
C SER A 125 31.94 -7.42 -0.21
N GLY A 126 30.64 -7.22 -0.39
CA GLY A 126 29.73 -8.35 -0.46
C GLY A 126 29.05 -8.68 0.85
N GLY A 127 29.11 -7.79 1.83
CA GLY A 127 28.25 -7.98 2.99
C GLY A 127 26.81 -7.60 2.70
N SER A 128 25.89 -7.98 3.56
CA SER A 128 24.48 -7.70 3.37
C SER A 128 23.92 -7.11 4.65
N ALA A 129 23.00 -6.17 4.49
CA ALA A 129 22.23 -5.71 5.64
C ALA A 129 20.77 -5.60 5.25
N THR A 130 19.91 -6.04 6.16
CA THR A 130 18.50 -6.04 5.87
C THR A 130 17.94 -5.28 7.04
N SER A 131 17.01 -4.37 6.74
CA SER A 131 16.17 -3.72 7.74
C SER A 131 16.94 -2.78 8.64
N ALA A 132 18.07 -2.28 8.15
CA ALA A 132 18.71 -1.15 8.79
C ALA A 132 17.68 -0.03 8.96
N SER A 133 17.72 0.64 10.10
CA SER A 133 16.99 1.87 10.34
C SER A 133 17.97 3.04 10.39
N VAL A 134 17.90 3.98 9.45
CA VAL A 134 18.85 5.09 9.42
C VAL A 134 18.14 6.36 9.89
N THR A 135 18.34 6.69 11.16
CA THR A 135 17.67 7.81 11.81
C THR A 135 18.45 9.10 11.64
N SER A 136 17.98 10.15 12.28
CA SER A 136 18.50 11.52 12.19
C SER A 136 19.98 11.57 12.55
N GLY A 137 20.80 12.08 11.65
CA GLY A 137 22.24 12.12 11.85
C GLY A 137 22.96 10.80 11.63
N ALA A 138 22.22 9.73 11.35
CA ALA A 138 22.86 8.44 11.09
C ALA A 138 23.29 8.30 9.63
N ARG A 139 24.24 7.42 9.34
CA ARG A 139 24.63 7.20 7.95
C ARG A 139 24.81 5.73 7.65
N GLN A 140 24.39 5.31 6.46
CA GLN A 140 24.68 3.98 5.96
C GLN A 140 25.47 4.06 4.65
N PHE A 141 26.59 3.36 4.57
CA PHE A 141 27.45 3.35 3.40
C PHE A 141 27.47 1.97 2.77
N VAL A 142 27.20 1.87 1.47
CA VAL A 142 27.18 0.59 0.79
C VAL A 142 28.10 0.62 -0.42
N SER A 143 29.02 -0.33 -0.46
CA SER A 143 30.03 -0.26 -1.50
C SER A 143 30.59 -1.59 -1.93
N SER A 144 31.05 -1.57 -3.17
CA SER A 144 31.84 -2.64 -3.76
C SER A 144 31.31 -4.03 -3.41
N GLY A 145 30.12 -4.31 -3.92
CA GLY A 145 29.52 -5.62 -3.72
C GLY A 145 28.64 -5.71 -2.51
N GLY A 146 28.65 -4.70 -1.65
CA GLY A 146 27.71 -4.67 -0.54
C GLY A 146 26.28 -4.44 -0.95
N ILE A 147 25.36 -5.13 -0.27
CA ILE A 147 23.96 -5.08 -0.66
C ILE A 147 23.10 -4.83 0.57
N VAL A 148 22.18 -3.88 0.43
CA VAL A 148 21.28 -3.55 1.53
C VAL A 148 19.84 -3.65 1.06
N LYS A 149 19.00 -4.20 1.92
CA LYS A 149 17.63 -4.53 1.55
C LYS A 149 16.74 -4.01 2.63
N ALA A 150 15.66 -3.35 2.23
CA ALA A 150 14.64 -2.86 3.14
C ALA A 150 15.19 -1.89 4.16
N THR A 151 16.17 -1.08 3.77
CA THR A 151 16.58 0.05 4.60
C THR A 151 15.48 1.11 4.69
N SER A 152 15.18 1.55 5.92
CA SER A 152 14.36 2.71 6.21
C SER A 152 15.26 3.91 6.49
N VAL A 153 15.25 4.86 5.55
CA VAL A 153 16.04 6.08 5.72
C VAL A 153 15.04 7.09 6.27
N ASN A 154 15.11 7.32 7.56
CA ASN A 154 14.11 8.12 8.26
C ASN A 154 14.62 9.55 8.33
N SER A 155 13.81 10.46 8.85
CA SER A 155 14.17 11.88 8.96
C SER A 155 15.58 12.12 9.51
N GLY A 156 16.32 12.99 8.84
CA GLY A 156 17.72 13.25 9.16
C GLY A 156 18.71 12.21 8.66
N GLY A 157 18.19 11.14 8.07
CA GLY A 157 19.03 10.00 7.74
C GLY A 157 19.60 10.00 6.34
N ARG A 158 20.77 9.41 6.17
CA ARG A 158 21.40 9.38 4.85
C ARG A 158 22.00 8.04 4.51
N GLN A 159 21.73 7.62 3.28
CA GLN A 159 22.29 6.38 2.77
C GLN A 159 23.20 6.73 1.59
N TYR A 160 24.41 6.19 1.57
CA TYR A 160 25.31 6.42 0.44
C TYR A 160 25.46 5.11 -0.31
N VAL A 161 24.89 5.03 -1.51
CA VAL A 161 25.14 3.87 -2.36
C VAL A 161 26.27 4.21 -3.33
N ARG A 162 27.45 3.68 -3.03
CA ARG A 162 28.66 4.04 -3.76
C ARG A 162 28.98 3.05 -4.87
N ASP A 163 30.09 3.26 -5.56
CA ASP A 163 30.46 2.43 -6.71
C ASP A 163 30.33 0.96 -6.33
N GLY A 164 29.63 0.14 -7.12
CA GLY A 164 29.43 -1.27 -6.79
C GLY A 164 28.49 -1.53 -5.63
N GLY A 165 27.81 -0.51 -5.11
CA GLY A 165 26.93 -0.73 -3.97
C GLY A 165 25.54 -0.98 -4.49
N SER A 166 24.73 -1.73 -3.75
CA SER A 166 23.38 -1.94 -4.21
C SER A 166 22.34 -1.88 -3.10
N ALA A 167 21.25 -1.17 -3.37
CA ALA A 167 20.19 -1.02 -2.38
C ALA A 167 18.91 -1.47 -3.03
N THR A 168 18.14 -2.28 -2.30
CA THR A 168 16.82 -2.67 -2.77
C THR A 168 15.75 -2.39 -1.70
N ASP A 169 14.58 -1.97 -2.15
CA ASP A 169 13.40 -1.83 -1.30
C ASP A 169 13.69 -0.82 -0.22
N THR A 170 14.53 0.15 -0.54
CA THR A 170 14.75 1.26 0.37
C THR A 170 13.46 2.07 0.46
N VAL A 171 13.19 2.58 1.66
CA VAL A 171 12.10 3.52 1.91
C VAL A 171 12.67 4.85 2.39
N LEU A 172 12.24 5.95 1.77
CA LEU A 172 12.71 7.28 2.13
C LEU A 172 11.55 8.11 2.69
N ASN A 173 11.66 8.48 3.96
CA ASN A 173 10.67 9.27 4.67
C ASN A 173 11.19 10.70 4.84
N ASN A 174 10.61 11.47 5.76
CA ASN A 174 10.60 12.94 5.71
C ASN A 174 11.95 13.59 5.95
N THR A 175 12.52 14.19 4.90
CA THR A 175 13.90 14.69 4.82
C THR A 175 14.96 13.58 4.84
N GLY A 176 14.54 12.33 4.65
CA GLY A 176 15.44 11.20 4.48
C GLY A 176 16.08 11.30 3.11
N ARG A 177 17.35 10.92 2.96
CA ARG A 177 18.02 11.09 1.68
C ARG A 177 18.81 9.86 1.29
N GLN A 178 18.73 9.56 0.00
CA GLN A 178 19.47 8.48 -0.61
C GLN A 178 20.37 9.10 -1.68
N PHE A 179 21.66 8.82 -1.61
CA PHE A 179 22.61 9.26 -2.63
C PHE A 179 23.18 8.09 -3.42
N VAL A 180 22.89 8.07 -4.71
CA VAL A 180 23.38 6.96 -5.52
C VAL A 180 24.40 7.57 -6.45
N SER A 181 25.64 7.11 -6.30
CA SER A 181 26.78 7.58 -7.06
C SER A 181 27.02 6.69 -8.25
N SER A 182 28.01 7.09 -9.04
CA SER A 182 28.41 6.36 -10.25
C SER A 182 28.78 4.94 -9.91
N GLY A 183 28.20 3.99 -10.62
CA GLY A 183 28.45 2.58 -10.37
C GLY A 183 27.60 2.09 -9.20
N GLY A 184 26.85 3.00 -8.56
CA GLY A 184 25.88 2.62 -7.53
C GLY A 184 24.55 2.28 -8.17
N SER A 185 23.80 1.39 -7.52
CA SER A 185 22.48 1.05 -8.00
C SER A 185 21.41 0.87 -6.92
N ALA A 186 20.24 1.45 -7.19
CA ALA A 186 19.05 1.31 -6.36
C ALA A 186 17.84 0.73 -7.13
N ALA A 187 17.10 -0.15 -6.46
CA ALA A 187 15.93 -0.81 -7.04
C ALA A 187 14.79 -0.75 -6.03
N LYS A 188 13.59 -0.46 -6.54
CA LYS A 188 12.34 -0.52 -5.77
C LYS A 188 12.39 0.41 -4.57
N THR A 189 12.91 1.60 -4.83
CA THR A 189 12.99 2.64 -3.83
C THR A 189 11.59 3.23 -3.77
N THR A 190 11.14 3.48 -2.56
CA THR A 190 9.88 4.15 -2.28
C THR A 190 10.19 5.52 -1.69
N ILE A 191 9.70 6.58 -2.34
CA ILE A 191 10.04 7.90 -1.83
C ILE A 191 8.76 8.50 -1.24
N ASN A 192 8.68 8.54 0.09
CA ASN A 192 7.52 9.11 0.76
C ASN A 192 7.61 10.63 0.75
N SER A 193 6.66 11.25 1.44
CA SER A 193 6.57 12.70 1.51
C SER A 193 7.83 13.21 2.18
N GLY A 194 8.47 14.24 1.61
CA GLY A 194 9.72 14.73 2.19
C GLY A 194 10.98 13.98 1.79
N GLY A 195 10.89 12.77 1.23
CA GLY A 195 12.08 12.02 0.84
C GLY A 195 12.81 12.61 -0.35
N GLY A 196 14.13 12.47 -0.40
CA GLY A 196 14.94 12.82 -1.57
C GLY A 196 15.90 11.73 -2.03
N TYR A 198 18.85 11.05 -4.79
CA TYR A 198 19.71 11.80 -5.72
C TYR A 198 20.56 10.86 -6.55
N LEU A 199 20.44 10.95 -7.87
CA LEU A 199 21.25 10.10 -8.74
C LEU A 199 22.45 10.92 -9.20
N TYR A 200 23.57 10.77 -8.50
CA TYR A 200 24.78 11.53 -8.79
C TYR A 200 25.67 10.69 -9.67
N GLY A 201 25.14 10.37 -10.84
CA GLY A 201 25.78 9.39 -11.70
C GLY A 201 25.26 7.97 -11.54
N GLY A 202 24.42 7.70 -10.54
CA GLY A 202 24.05 6.30 -10.31
C GLY A 202 22.79 5.92 -11.04
N SER A 203 22.39 4.66 -10.90
CA SER A 203 21.20 4.11 -11.53
C SER A 203 20.09 3.72 -10.56
N ALA A 204 18.86 4.10 -10.86
CA ALA A 204 17.64 3.64 -10.20
C ALA A 204 16.64 2.91 -11.12
N THR A 205 15.99 1.89 -10.57
CA THR A 205 14.99 1.13 -11.30
C THR A 205 13.81 0.92 -10.39
N GLY A 206 12.61 1.00 -10.95
CA GLY A 206 11.40 0.68 -10.20
C GLY A 206 11.18 1.58 -9.01
N THR A 207 11.47 2.86 -9.20
CA THR A 207 11.17 3.89 -8.20
C THR A 207 9.70 4.23 -8.22
N SER A 208 9.16 4.46 -7.04
CA SER A 208 7.82 5.02 -6.87
C SER A 208 7.92 6.30 -6.05
N ILE A 209 7.32 7.37 -6.56
CA ILE A 209 7.40 8.67 -5.92
C ILE A 209 6.00 9.16 -5.52
N TYR A 210 5.72 9.14 -4.22
CA TYR A 210 4.41 9.52 -3.69
C TYR A 210 4.44 11.01 -3.33
N ASN A 211 3.25 11.54 -3.08
CA ASN A 211 3.07 12.95 -2.75
C ASN A 211 4.19 13.51 -1.87
N GLY A 212 4.79 14.63 -2.28
CA GLY A 212 5.82 15.27 -1.48
C GLY A 212 7.21 14.69 -1.65
N GLY A 213 7.32 13.56 -2.35
CA GLY A 213 8.63 12.91 -2.50
C GLY A 213 9.32 13.40 -3.76
N ARG A 214 10.65 13.34 -3.81
CA ARG A 214 11.36 13.83 -5.00
C ARG A 214 12.53 12.94 -5.40
N GLN A 215 12.68 12.73 -6.71
CA GLN A 215 13.87 12.11 -7.26
C GLN A 215 14.57 13.16 -8.11
N TYR A 216 15.88 13.28 -7.92
CA TYR A 216 16.68 14.25 -8.64
C TYR A 216 17.71 13.53 -9.50
N VAL A 217 17.59 13.63 -10.82
CA VAL A 217 18.49 12.90 -11.70
C VAL A 217 19.52 13.88 -12.24
N SER A 218 20.77 13.73 -11.81
CA SER A 218 21.80 14.65 -12.27
C SER A 218 22.72 13.91 -13.23
N SER A 219 23.71 14.69 -13.68
CA SER A 219 24.63 14.30 -14.72
C SER A 219 25.16 12.88 -14.57
N GLY A 220 24.95 12.11 -15.64
CA GLY A 220 25.39 10.72 -15.66
C GLY A 220 24.38 9.80 -14.99
N GLY A 221 23.38 10.35 -14.30
CA GLY A 221 22.42 9.52 -13.59
C GLY A 221 21.36 9.00 -14.52
N SER A 222 20.75 7.88 -14.15
CA SER A 222 19.75 7.27 -15.02
C SER A 222 18.64 6.60 -14.22
N ALA A 223 17.40 6.98 -14.47
CA ALA A 223 16.24 6.33 -13.83
C ALA A 223 15.43 5.55 -14.85
N THR A 224 15.01 4.36 -14.47
CA THR A 224 14.20 3.49 -15.34
C THR A 224 13.00 2.98 -14.57
N ASN A 225 11.82 3.19 -15.12
CA ASN A 225 10.59 2.57 -14.67
C ASN A 225 10.26 3.24 -13.35
N THR A 226 9.81 4.48 -13.51
CA THR A 226 9.52 5.30 -12.34
C THR A 226 8.04 5.61 -12.35
N THR A 227 7.39 5.62 -11.18
CA THR A 227 5.99 5.99 -11.18
C THR A 227 5.88 7.22 -10.31
N VAL A 228 5.31 8.26 -10.89
CA VAL A 228 5.14 9.53 -10.17
C VAL A 228 3.65 9.70 -9.81
N TYR A 229 3.39 9.50 -8.52
CA TYR A 229 2.02 9.56 -8.02
C TYR A 229 1.76 11.01 -7.72
N SER A 230 0.47 11.33 -7.60
CA SER A 230 0.02 12.67 -7.29
C SER A 230 0.88 13.35 -6.22
N GLY A 231 1.37 14.55 -6.49
CA GLY A 231 2.26 15.28 -5.60
C GLY A 231 3.73 14.89 -5.68
N GLY A 232 4.04 13.88 -6.49
CA GLY A 232 5.42 13.45 -6.68
C GLY A 232 6.08 14.23 -7.82
N ARG A 233 7.41 14.27 -7.79
CA ARG A 233 8.16 14.89 -8.88
C ARG A 233 9.43 14.13 -9.15
N GLN A 234 9.65 13.75 -10.41
CA GLN A 234 10.96 13.38 -10.90
C GLN A 234 11.58 14.63 -11.52
N HIS A 235 12.74 15.05 -11.01
CA HIS A 235 13.43 16.25 -11.52
C HIS A 235 14.71 15.85 -12.26
N VAL A 236 14.78 16.12 -13.56
CA VAL A 236 15.92 15.72 -14.37
C VAL A 236 16.78 16.93 -14.74
N TYR A 237 18.07 16.88 -14.42
CA TYR A 237 18.97 18.02 -14.63
C TYR A 237 19.83 17.70 -15.85
N ILE A 238 20.70 18.64 -16.16
CA ILE A 238 21.49 18.57 -17.39
C ILE A 238 22.27 17.27 -17.42
N ASP A 239 22.12 16.54 -18.52
CA ASP A 239 22.84 15.31 -18.81
C ASP A 239 22.36 14.16 -17.91
N GLY A 240 21.24 14.35 -17.21
CA GLY A 240 20.54 13.24 -16.56
C GLY A 240 19.59 12.60 -17.54
N ASN A 241 19.33 11.30 -17.38
CA ASN A 241 18.40 10.57 -18.25
C ASN A 241 17.36 9.79 -17.48
N VAL A 242 16.14 9.76 -17.99
CA VAL A 242 15.14 8.85 -17.44
C VAL A 242 14.37 8.17 -18.55
N THR A 243 13.90 6.96 -18.25
CA THR A 243 13.12 6.21 -19.21
C THR A 243 12.00 5.43 -18.51
N GLU A 244 10.88 5.30 -19.23
CA GLU A 244 9.74 4.55 -18.73
C GLU A 244 9.33 5.20 -17.42
N THR A 245 8.96 6.47 -17.51
CA THR A 245 8.35 7.17 -16.40
C THR A 245 6.86 7.24 -16.71
N THR A 246 6.06 6.94 -15.70
CA THR A 246 4.64 7.20 -15.81
C THR A 246 4.30 8.33 -14.83
N ILE A 247 3.59 9.32 -15.34
CA ILE A 247 3.19 10.46 -14.52
C ILE A 247 1.67 10.40 -14.39
N THR A 248 1.27 10.14 -13.15
CA THR A 248 -0.12 10.00 -12.80
C THR A 248 -0.67 11.40 -12.55
N SER A 249 -1.98 11.49 -12.77
CA SER A 249 -2.74 12.68 -12.47
C SER A 249 -2.22 13.31 -11.19
N GLY A 250 -1.75 14.56 -11.26
CA GLY A 250 -1.28 15.25 -10.07
C GLY A 250 0.20 15.08 -9.81
N GLY A 251 0.88 14.27 -10.62
CA GLY A 251 2.32 14.09 -10.47
C GLY A 251 3.09 14.96 -11.45
N LEU A 253 6.83 15.40 -13.94
CA LEU A 253 8.18 15.24 -14.47
C LEU A 253 8.65 16.62 -14.90
N GLN A 254 9.75 17.06 -14.33
CA GLN A 254 10.37 18.30 -14.77
C GLN A 254 11.76 18.09 -15.33
N VAL A 255 11.94 18.50 -16.58
CA VAL A 255 13.20 18.27 -17.27
C VAL A 255 13.87 19.62 -17.54
N GLU A 256 15.06 19.82 -16.99
CA GLU A 256 15.78 21.06 -17.24
C GLU A 256 16.49 20.96 -18.58
N ALA A 257 16.88 22.11 -19.10
CA ALA A 257 17.50 22.16 -20.42
C ALA A 257 18.70 21.23 -20.40
N GLY A 258 18.83 20.40 -21.44
CA GLY A 258 19.89 19.40 -21.49
C GLY A 258 19.67 18.11 -20.71
N GLY A 259 18.55 17.95 -20.00
CA GLY A 259 18.22 16.67 -19.38
C GLY A 259 17.47 15.85 -20.42
N SER A 260 17.27 14.55 -20.25
CA SER A 260 16.40 13.81 -21.18
C SER A 260 15.49 12.78 -20.55
N ALA A 261 14.35 12.60 -21.19
CA ALA A 261 13.37 11.61 -20.78
C ALA A 261 12.88 10.89 -22.03
N SER A 262 12.63 9.59 -21.89
CA SER A 262 12.05 8.86 -23.01
C SER A 262 11.09 7.81 -22.45
N LYS A 263 10.27 7.28 -23.34
CA LYS A 263 9.22 6.36 -22.98
C LYS A 263 8.43 6.92 -21.80
N VAL A 264 7.95 8.13 -21.99
CA VAL A 264 7.14 8.79 -20.98
C VAL A 264 5.66 8.45 -21.16
N ILE A 265 5.02 8.08 -20.06
CA ILE A 265 3.60 7.79 -20.07
C ILE A 265 2.98 8.92 -19.25
N GLN A 266 2.30 9.81 -19.97
CA GLN A 266 1.71 10.97 -19.34
C GLN A 266 0.21 10.77 -19.21
N ASN A 267 -0.26 10.38 -18.04
CA ASN A 267 -1.70 10.36 -17.79
C ASN A 267 -2.31 11.75 -17.76
N SER A 268 -3.63 11.77 -17.87
CA SER A 268 -4.43 12.98 -17.81
C SER A 268 -4.31 13.62 -16.43
N GLY A 269 -3.96 14.91 -16.38
CA GLY A 269 -3.55 15.55 -15.12
C GLY A 269 -2.11 15.36 -14.65
N GLY A 270 -1.31 14.58 -15.36
CA GLY A 270 0.12 14.50 -15.06
C GLY A 270 0.90 15.62 -15.74
N ALA A 271 1.62 16.40 -14.93
CA ALA A 271 2.40 17.52 -15.45
C ALA A 271 3.76 17.12 -16.00
N VAL A 272 4.04 17.59 -17.21
CA VAL A 272 5.38 17.50 -17.77
C VAL A 272 5.85 18.91 -18.16
N ILE A 273 7.04 19.24 -17.70
CA ILE A 273 7.68 20.52 -17.93
C ILE A 273 9.00 20.35 -18.66
N THR A 274 9.17 21.01 -19.79
CA THR A 274 10.42 20.89 -20.53
C THR A 274 10.97 22.28 -20.75
N ASN A 275 12.28 22.36 -20.99
CA ASN A 275 12.98 23.62 -21.24
C ASN A 275 13.81 23.68 -22.51
N THR A 276 13.51 22.75 -23.40
CA THR A 276 14.18 22.49 -24.67
C THR A 276 13.15 21.67 -25.47
N SER A 277 13.15 21.68 -26.79
CA SER A 277 12.13 20.93 -27.52
C SER A 277 12.31 19.43 -27.66
N ALA A 278 13.54 18.93 -27.68
CA ALA A 278 13.68 17.49 -27.90
C ALA A 278 13.98 16.79 -26.57
N ALA A 279 13.32 17.23 -25.50
CA ALA A 279 13.69 16.82 -24.16
C ALA A 279 13.01 15.51 -23.75
N VAL A 280 11.77 15.32 -24.22
CA VAL A 280 10.93 14.23 -23.73
C VAL A 280 10.29 13.44 -24.86
N SER A 281 10.27 12.11 -24.75
CA SER A 281 9.69 11.21 -25.75
C SER A 281 8.53 10.39 -25.21
N GLY A 282 7.34 10.62 -25.75
CA GLY A 282 6.13 9.86 -25.39
C GLY A 282 5.87 8.71 -26.35
N LYS B 9 -1.22 -17.86 21.83
CA LYS B 9 0.27 -17.97 21.92
C LYS B 9 0.93 -16.82 21.15
N ALA B 10 0.94 -16.94 19.83
CA ALA B 10 1.81 -16.14 18.94
C ALA B 10 1.38 -14.69 18.70
N ALA B 11 2.36 -13.91 18.25
CA ALA B 11 2.17 -12.48 18.05
C ALA B 11 3.21 -11.90 17.10
N TYR B 12 2.91 -11.91 15.81
CA TYR B 12 3.81 -11.40 14.80
C TYR B 12 3.70 -9.88 14.73
N ASP B 13 4.66 -9.27 14.02
CA ASP B 13 4.75 -7.82 13.98
C ASP B 13 5.79 -7.34 12.97
N ASN B 14 5.36 -6.53 12.01
CA ASN B 14 6.22 -5.98 10.97
C ASN B 14 6.95 -7.02 10.10
N GLN B 15 6.49 -8.26 10.19
CA GLN B 15 6.90 -9.33 9.28
C GLN B 15 6.51 -8.98 7.85
N THR B 16 7.38 -9.40 6.93
CA THR B 16 7.14 -9.41 5.50
C THR B 16 7.24 -10.85 5.01
N ILE B 17 6.29 -11.30 4.20
CA ILE B 17 6.18 -12.69 3.74
C ILE B 17 5.99 -12.73 2.23
N GLY B 18 6.59 -13.71 1.56
CA GLY B 18 6.65 -13.69 0.11
C GLY B 18 7.81 -14.50 -0.46
N ARG B 19 7.95 -14.42 -1.77
CA ARG B 19 8.85 -15.28 -2.55
C ARG B 19 10.31 -15.05 -2.16
N GLY B 20 10.74 -13.80 -2.01
CA GLY B 20 12.12 -13.55 -1.61
C GLY B 20 12.46 -13.53 -0.14
N GLU B 21 11.52 -13.90 0.74
CA GLU B 21 11.60 -13.50 2.15
C GLU B 21 11.72 -14.69 3.10
N THR B 22 11.97 -14.36 4.37
CA THR B 22 11.94 -15.34 5.45
C THR B 22 10.82 -16.39 5.31
N SER B 23 9.58 -15.92 5.15
CA SER B 23 8.42 -16.79 4.97
C SER B 23 7.69 -16.55 3.65
N LYS B 24 6.94 -17.56 3.22
CA LYS B 24 5.99 -17.44 2.12
C LYS B 24 4.57 -17.23 2.64
N SER B 25 4.31 -17.79 3.81
CA SER B 25 2.96 -17.89 4.34
C SER B 25 2.91 -17.54 5.82
N HIS B 27 0.03 -18.37 9.12
CA HIS B 27 -1.23 -18.96 9.52
C HIS B 27 -1.51 -18.54 10.95
N LEU B 28 -2.71 -18.02 11.19
CA LEU B 28 -3.08 -17.46 12.48
C LEU B 28 -4.25 -18.25 13.01
N SER B 29 -4.08 -18.92 14.15
CA SER B 29 -5.14 -19.75 14.70
C SER B 29 -5.77 -19.14 15.93
N ALA B 30 -6.72 -19.86 16.50
CA ALA B 30 -7.37 -19.46 17.75
C ALA B 30 -6.39 -18.77 18.69
N GLY B 31 -6.56 -17.47 18.87
CA GLY B 31 -5.73 -16.68 19.78
C GLY B 31 -4.53 -15.97 19.17
N ASP B 32 -4.18 -16.34 17.94
CA ASP B 32 -3.01 -15.73 17.29
C ASP B 32 -3.32 -14.34 16.73
N THR B 33 -2.28 -13.52 16.73
CA THR B 33 -2.32 -12.11 16.34
C THR B 33 -1.19 -11.79 15.36
N ALA B 34 -1.38 -10.73 14.57
CA ALA B 34 -0.37 -10.25 13.63
C ALA B 34 -0.60 -8.80 13.27
N LYS B 35 0.46 -7.99 13.22
CA LYS B 35 0.32 -6.56 12.95
C LYS B 35 1.39 -6.06 12.01
N ASN B 36 1.04 -5.06 11.20
CA ASN B 36 1.86 -4.54 10.12
C ASN B 36 2.58 -5.60 9.28
N THR B 37 1.92 -6.71 9.00
CA THR B 37 2.40 -7.66 8.00
C THR B 37 2.35 -6.97 6.65
N THR B 38 3.38 -7.18 5.85
CA THR B 38 3.40 -6.81 4.43
C THR B 38 3.36 -8.14 3.68
N ILE B 39 2.35 -8.34 2.84
CA ILE B 39 2.28 -9.55 2.04
C ILE B 39 2.64 -9.22 0.59
N ASN B 40 3.82 -9.64 0.17
CA ASN B 40 4.32 -9.35 -1.18
C ASN B 40 4.16 -10.51 -2.14
N SER B 41 4.68 -10.39 -3.37
CA SER B 41 4.81 -11.43 -4.39
C SER B 41 4.83 -12.85 -3.82
N GLY B 42 3.88 -13.69 -4.19
CA GLY B 42 3.90 -15.08 -3.74
C GLY B 42 3.63 -15.24 -2.25
N GLY B 43 3.41 -14.15 -1.51
CA GLY B 43 3.04 -14.28 -0.10
C GLY B 43 1.57 -14.62 0.09
N LYS B 44 1.31 -15.43 1.11
CA LYS B 44 -0.05 -15.75 1.55
C LYS B 44 -0.16 -15.71 3.07
N GLN B 45 -1.19 -15.01 3.53
CA GLN B 45 -1.58 -15.07 4.92
C GLN B 45 -2.96 -15.68 5.05
N TYR B 46 -3.09 -16.59 6.01
CA TYR B 46 -4.35 -17.28 6.26
C TYR B 46 -4.84 -16.96 7.66
N VAL B 47 -6.06 -16.45 7.77
CA VAL B 47 -6.61 -16.05 9.07
C VAL B 47 -7.76 -16.97 9.44
N SER B 48 -7.50 -17.92 10.34
CA SER B 48 -8.41 -18.99 10.72
C SER B 48 -9.16 -18.71 12.02
N SER B 49 -9.98 -19.65 12.47
CA SER B 49 -10.90 -19.39 13.59
C SER B 49 -10.19 -18.80 14.83
N GLY B 50 -10.50 -17.54 15.12
CA GLY B 50 -9.93 -16.80 16.25
C GLY B 50 -8.63 -16.09 15.96
N GLY B 51 -8.21 -16.10 14.70
CA GLY B 51 -6.99 -15.41 14.30
C GLY B 51 -7.29 -13.94 14.07
N SER B 52 -6.28 -13.09 14.16
CA SER B 52 -6.50 -11.66 13.97
C SER B 52 -5.35 -10.89 13.31
N ALA B 53 -5.62 -10.32 12.13
CA ALA B 53 -4.65 -9.50 11.42
C ALA B 53 -5.08 -8.04 11.44
N THR B 54 -4.11 -7.15 11.51
CA THR B 54 -4.36 -5.75 11.77
C THR B 54 -3.29 -4.99 11.00
N SER B 55 -3.72 -4.00 10.22
CA SER B 55 -2.83 -3.16 9.45
C SER B 55 -1.98 -4.01 8.52
N THR B 56 -2.62 -4.90 7.78
CA THR B 56 -1.92 -5.67 6.76
C THR B 56 -1.84 -4.84 5.49
N THR B 57 -0.67 -4.86 4.86
CA THR B 57 -0.58 -4.34 3.51
C THR B 57 -0.47 -5.53 2.56
N ILE B 58 -1.17 -5.46 1.43
CA ILE B 58 -1.18 -6.57 0.48
C ILE B 58 -0.80 -6.00 -0.86
N ASN B 59 0.41 -6.35 -1.30
CA ASN B 59 0.94 -5.85 -2.55
C ASN B 59 0.80 -6.88 -3.69
N ILE B 60 1.31 -6.54 -4.85
CA ILE B 60 1.11 -7.28 -6.08
C ILE B 60 1.50 -8.76 -5.89
N GLY B 61 0.65 -9.68 -6.32
CA GLY B 61 0.90 -11.11 -6.16
C GLY B 61 0.70 -11.67 -4.78
N GLY B 62 0.32 -10.80 -3.85
CA GLY B 62 0.04 -11.20 -2.48
C GLY B 62 -1.45 -11.42 -2.22
N VAL B 63 -1.71 -12.32 -1.29
CA VAL B 63 -3.10 -12.57 -0.91
C VAL B 63 -3.25 -12.77 0.59
N GLN B 64 -4.29 -12.13 1.12
CA GLN B 64 -4.82 -12.46 2.43
C GLN B 64 -6.11 -13.24 2.36
N HIS B 65 -6.11 -14.40 3.02
CA HIS B 65 -7.26 -15.27 3.12
C HIS B 65 -7.85 -15.15 4.52
N VAL B 66 -9.06 -14.58 4.62
CA VAL B 66 -9.79 -14.51 5.88
C VAL B 66 -10.81 -15.63 5.90
N SER B 67 -10.60 -16.62 6.76
CA SER B 67 -11.48 -17.78 6.83
C SER B 67 -12.40 -17.70 8.05
N SER B 68 -13.26 -18.71 8.17
CA SER B 68 -14.33 -18.80 9.17
C SER B 68 -13.79 -18.51 10.55
N GLY B 69 -14.37 -17.56 11.26
CA GLY B 69 -13.90 -17.19 12.59
C GLY B 69 -12.76 -16.18 12.55
N GLY B 70 -12.22 -15.95 11.36
CA GLY B 70 -11.06 -15.08 11.22
C GLY B 70 -11.47 -13.64 11.07
N SER B 71 -10.56 -12.74 11.41
CA SER B 71 -10.85 -11.32 11.31
C SER B 71 -9.64 -10.50 10.85
N ALA B 72 -9.89 -9.64 9.87
CA ALA B 72 -8.85 -8.76 9.38
C ALA B 72 -9.32 -7.33 9.45
N THR B 73 -8.56 -6.43 10.07
CA THR B 73 -8.96 -5.01 10.09
C THR B 73 -7.83 -4.15 9.58
N SER B 74 -8.23 -3.13 8.83
CA SER B 74 -7.35 -2.19 8.17
C SER B 74 -6.30 -2.86 7.26
N SER B 75 -6.72 -3.85 6.48
CA SER B 75 -5.85 -4.27 5.38
C SER B 75 -5.89 -3.17 4.34
N THR B 76 -4.75 -2.85 3.76
CA THR B 76 -4.77 -2.02 2.57
C THR B 76 -4.33 -2.89 1.38
N ILE B 77 -5.13 -2.84 0.32
CA ILE B 77 -4.91 -3.70 -0.83
C ILE B 77 -4.36 -2.84 -1.93
N ASN B 78 -3.08 -3.02 -2.21
CA ASN B 78 -2.45 -2.25 -3.27
C ASN B 78 -2.53 -3.03 -4.57
N SER B 79 -1.99 -2.48 -5.65
CA SER B 79 -2.20 -3.03 -6.97
C SER B 79 -1.77 -4.50 -7.11
N GLY B 80 -2.61 -5.33 -7.72
CA GLY B 80 -2.33 -6.74 -7.85
C GLY B 80 -2.48 -7.58 -6.62
N GLY B 81 -2.93 -6.95 -5.54
CA GLY B 81 -3.11 -7.66 -4.30
C GLY B 81 -4.56 -8.08 -4.15
N HIS B 82 -4.78 -9.13 -3.38
CA HIS B 82 -6.13 -9.58 -3.06
C HIS B 82 -6.35 -9.79 -1.57
N GLN B 83 -7.54 -9.44 -1.09
CA GLN B 83 -8.08 -10.00 0.12
C GLN B 83 -9.28 -10.85 -0.22
N HIS B 84 -9.26 -12.12 0.18
CA HIS B 84 -10.38 -13.02 0.01
C HIS B 84 -11.07 -13.21 1.35
N VAL B 85 -12.34 -12.80 1.42
CA VAL B 85 -13.14 -12.90 2.63
C VAL B 85 -14.08 -14.09 2.43
N SER B 86 -13.74 -15.24 3.01
CA SER B 86 -14.53 -16.46 2.85
C SER B 86 -15.54 -16.69 3.97
N SER B 87 -16.33 -17.76 3.84
CA SER B 87 -17.46 -18.09 4.73
C SER B 87 -17.10 -17.94 6.20
N GLY B 88 -17.92 -17.16 6.91
CA GLY B 88 -17.69 -16.90 8.32
C GLY B 88 -16.51 -15.99 8.59
N GLY B 89 -15.87 -15.50 7.54
CA GLY B 89 -14.75 -14.57 7.70
C GLY B 89 -15.23 -13.13 7.81
N SER B 90 -14.37 -12.30 8.36
CA SER B 90 -14.82 -10.95 8.64
C SER B 90 -13.73 -9.93 8.36
N ALA B 91 -13.98 -8.98 7.47
CA ALA B 91 -13.04 -7.88 7.27
C ALA B 91 -13.70 -6.57 7.68
N THR B 92 -12.89 -5.67 8.24
CA THR B 92 -13.39 -4.35 8.61
C THR B 92 -12.45 -3.23 8.22
N ASN B 93 -13.03 -2.15 7.69
CA ASN B 93 -12.27 -0.96 7.37
C ASN B 93 -11.03 -1.26 6.54
N THR B 94 -11.28 -2.02 5.47
CA THR B 94 -10.29 -2.32 4.45
C THR B 94 -10.23 -1.10 3.53
N THR B 95 -9.03 -0.81 3.06
CA THR B 95 -8.84 0.18 2.01
C THR B 95 -8.39 -0.51 0.73
N VAL B 96 -9.09 -0.24 -0.37
CA VAL B 96 -8.75 -0.87 -1.64
C VAL B 96 -8.25 0.21 -2.57
N ASN B 97 -6.96 0.10 -2.88
CA ASN B 97 -6.32 1.08 -3.75
C ASN B 97 -6.31 0.57 -5.17
N ASN B 98 -5.74 1.34 -6.07
CA ASN B 98 -5.75 1.05 -7.50
C ASN B 98 -5.15 -0.33 -7.77
N GLY B 99 -5.87 -1.09 -8.61
CA GLY B 99 -5.48 -2.45 -8.97
C GLY B 99 -5.72 -3.51 -7.91
N GLY B 100 -6.10 -3.07 -6.72
CA GLY B 100 -6.40 -3.98 -5.63
C GLY B 100 -7.84 -4.46 -5.68
N ARG B 101 -8.06 -5.63 -5.12
CA ARG B 101 -9.40 -6.22 -5.06
C ARG B 101 -9.72 -6.90 -3.73
N GLN B 102 -10.84 -6.48 -3.14
CA GLN B 102 -11.45 -7.20 -2.05
C GLN B 102 -12.58 -8.01 -2.63
N THR B 103 -12.53 -9.31 -2.37
CA THR B 103 -13.59 -10.20 -2.83
C THR B 103 -14.28 -10.86 -1.64
N VAL B 104 -15.58 -10.66 -1.54
CA VAL B 104 -16.39 -11.26 -0.48
C VAL B 104 -17.20 -12.41 -1.07
N PHE B 105 -16.83 -13.61 -0.61
CA PHE B 105 -17.35 -14.86 -1.10
C PHE B 105 -18.53 -15.28 -0.23
N SER B 106 -19.13 -16.42 -0.58
CA SER B 106 -20.25 -17.00 0.16
C SER B 106 -20.02 -17.03 1.66
N GLY B 107 -20.91 -16.35 2.39
CA GLY B 107 -20.85 -16.34 3.84
C GLY B 107 -19.90 -15.32 4.41
N GLY B 108 -19.12 -14.66 3.56
CA GLY B 108 -18.21 -13.66 4.11
C GLY B 108 -18.83 -12.32 4.42
N SER B 109 -18.13 -11.49 5.18
CA SER B 109 -18.66 -10.20 5.55
C SER B 109 -17.59 -9.11 5.50
N ALA B 110 -17.89 -7.97 4.89
CA ALA B 110 -16.95 -6.86 4.89
C ALA B 110 -17.69 -5.66 5.41
N GLY B 112 -17.31 -1.47 6.22
CA GLY B 112 -16.53 -0.24 6.18
C GLY B 112 -15.44 -0.09 5.13
N THR B 113 -15.59 -0.80 4.02
CA THR B 113 -14.55 -0.81 3.01
C THR B 113 -14.49 0.53 2.30
N ILE B 114 -13.28 1.04 2.13
CA ILE B 114 -13.04 2.29 1.42
C ILE B 114 -12.32 1.95 0.13
N ILE B 115 -12.99 2.26 -0.98
CA ILE B 115 -12.49 1.83 -2.28
C ILE B 115 -12.06 3.09 -2.97
N ASN B 116 -10.75 3.24 -3.16
CA ASN B 116 -10.18 4.38 -3.88
C ASN B 116 -10.14 4.10 -5.37
N SER B 117 -9.54 5.05 -6.09
CA SER B 117 -9.54 5.06 -7.55
C SER B 117 -8.82 3.83 -8.10
N GLY B 118 -9.45 3.14 -9.04
CA GLY B 118 -8.94 1.87 -9.56
C GLY B 118 -9.13 0.61 -8.73
N GLY B 119 -9.63 0.77 -7.51
CA GLY B 119 -9.91 -0.40 -6.70
C GLY B 119 -11.27 -0.98 -7.04
N ASP B 120 -11.45 -2.24 -6.69
CA ASP B 120 -12.67 -3.00 -6.91
C ASP B 120 -13.03 -3.73 -5.63
N GLN B 121 -14.34 -3.79 -5.41
CA GLN B 121 -14.86 -4.70 -4.40
C GLN B 121 -15.91 -5.57 -5.07
N TYR B 122 -15.79 -6.88 -4.82
CA TYR B 122 -16.61 -7.87 -5.50
C TYR B 122 -17.36 -8.62 -4.41
N VAL B 123 -18.68 -8.56 -4.45
CA VAL B 123 -19.49 -9.16 -3.39
C VAL B 123 -20.34 -10.17 -4.10
N ILE B 124 -19.96 -11.45 -3.97
CA ILE B 124 -20.54 -12.44 -4.86
C ILE B 124 -20.93 -13.70 -4.12
N SER B 125 -21.80 -14.46 -4.76
CA SER B 125 -22.10 -15.83 -4.33
C SER B 125 -22.61 -15.92 -2.89
N GLY B 126 -23.35 -14.94 -2.38
CA GLY B 126 -23.81 -15.01 -1.00
C GLY B 126 -23.00 -14.15 -0.04
N GLY B 127 -22.01 -13.41 -0.51
CA GLY B 127 -21.25 -12.58 0.41
C GLY B 127 -22.09 -11.37 0.72
N SER B 128 -21.67 -10.64 1.75
CA SER B 128 -22.34 -9.42 2.15
C SER B 128 -21.33 -8.33 2.51
N ALA B 129 -21.72 -7.09 2.29
CA ALA B 129 -20.87 -5.97 2.63
C ALA B 129 -21.79 -4.89 3.14
N THR B 130 -21.28 -4.14 4.11
CA THR B 130 -22.06 -3.03 4.64
C THR B 130 -21.15 -1.80 4.69
N SER B 131 -21.68 -0.65 4.27
CA SER B 131 -21.05 0.65 4.45
C SER B 131 -19.78 0.80 3.61
N ALA B 132 -19.76 0.21 2.42
CA ALA B 132 -18.65 0.51 1.54
C ALA B 132 -18.74 1.95 1.14
N SER B 133 -17.59 2.60 0.99
CA SER B 133 -17.54 3.87 0.27
C SER B 133 -16.89 3.68 -1.10
N VAL B 134 -17.60 4.05 -2.17
CA VAL B 134 -17.10 3.95 -3.53
C VAL B 134 -16.75 5.34 -4.04
N THR B 135 -15.45 5.60 -4.12
CA THR B 135 -14.95 6.97 -4.36
C THR B 135 -14.68 7.06 -5.83
N SER B 136 -14.14 8.20 -6.25
CA SER B 136 -13.90 8.46 -7.67
C SER B 136 -12.99 7.40 -8.32
N GLY B 137 -13.48 6.81 -9.42
CA GLY B 137 -12.77 5.74 -10.13
C GLY B 137 -12.79 4.38 -9.46
N ALA B 138 -13.50 4.27 -8.33
CA ALA B 138 -13.70 3.01 -7.64
C ALA B 138 -14.90 2.22 -8.19
N ARG B 139 -14.89 0.90 -8.08
CA ARG B 139 -16.03 0.11 -8.57
C ARG B 139 -16.39 -0.92 -7.53
N GLN B 140 -17.69 -1.06 -7.38
CA GLN B 140 -18.19 -2.19 -6.62
C GLN B 140 -19.09 -3.05 -7.50
N PHE B 141 -18.91 -4.36 -7.42
CA PHE B 141 -19.68 -5.34 -8.20
C PHE B 141 -20.44 -6.27 -7.26
N VAL B 142 -21.73 -6.44 -7.50
CA VAL B 142 -22.49 -7.40 -6.72
C VAL B 142 -23.26 -8.33 -7.66
N SER B 143 -23.10 -9.63 -7.43
CA SER B 143 -23.88 -10.60 -8.19
C SER B 143 -24.14 -11.95 -7.50
N SER B 144 -24.91 -12.79 -8.18
CA SER B 144 -25.30 -14.12 -7.72
C SER B 144 -25.38 -14.28 -6.21
N GLY B 145 -26.39 -13.69 -5.59
CA GLY B 145 -26.59 -13.83 -4.16
C GLY B 145 -25.83 -12.79 -3.34
N GLY B 146 -24.94 -12.04 -3.98
CA GLY B 146 -24.19 -11.03 -3.25
C GLY B 146 -25.18 -9.98 -2.80
N ILE B 147 -24.99 -9.45 -1.61
CA ILE B 147 -25.87 -8.43 -1.08
C ILE B 147 -24.99 -7.32 -0.51
N VAL B 148 -25.30 -6.07 -0.83
CA VAL B 148 -24.54 -4.94 -0.26
C VAL B 148 -25.49 -3.97 0.42
N LYS B 149 -25.10 -3.47 1.58
CA LYS B 149 -26.02 -2.65 2.34
C LYS B 149 -25.35 -1.35 2.73
N ALA B 150 -26.09 -0.26 2.54
CA ALA B 150 -25.66 1.07 2.98
C ALA B 150 -24.41 1.54 2.23
N THR B 151 -24.36 1.28 0.92
CA THR B 151 -23.21 1.70 0.12
C THR B 151 -23.32 3.20 -0.12
N SER B 152 -22.22 3.94 -0.04
CA SER B 152 -22.20 5.35 -0.47
C SER B 152 -21.39 5.36 -1.74
N VAL B 153 -22.05 5.75 -2.81
CA VAL B 153 -21.44 5.79 -4.13
C VAL B 153 -21.23 7.28 -4.33
N ASN B 154 -20.00 7.69 -4.12
CA ASN B 154 -19.65 9.09 -4.10
C ASN B 154 -19.24 9.49 -5.49
N SER B 155 -18.73 10.72 -5.55
CA SER B 155 -18.48 11.33 -6.84
C SER B 155 -17.49 10.50 -7.65
N GLY B 156 -17.82 10.22 -8.91
CA GLY B 156 -17.04 9.33 -9.77
C GLY B 156 -17.07 7.85 -9.44
N GLY B 157 -17.78 7.44 -8.40
CA GLY B 157 -17.89 6.02 -8.03
C GLY B 157 -18.91 5.30 -8.90
N ARG B 158 -18.73 4.00 -9.05
CA ARG B 158 -19.65 3.17 -9.83
C ARG B 158 -20.00 1.87 -9.13
N GLN B 159 -21.30 1.61 -8.98
CA GLN B 159 -21.80 0.36 -8.43
C GLN B 159 -22.56 -0.40 -9.52
N TYR B 160 -22.21 -1.67 -9.64
CA TYR B 160 -22.75 -2.57 -10.64
C TYR B 160 -23.58 -3.62 -9.93
N VAL B 161 -24.89 -3.56 -10.14
CA VAL B 161 -25.82 -4.53 -9.58
C VAL B 161 -26.23 -5.44 -10.72
N ARG B 162 -25.48 -6.53 -10.79
CA ARG B 162 -25.61 -7.50 -11.87
C ARG B 162 -26.51 -8.66 -11.46
N ASP B 163 -26.64 -9.61 -12.38
CA ASP B 163 -27.62 -10.68 -12.24
C ASP B 163 -27.55 -11.45 -10.92
N GLY B 164 -28.67 -11.48 -10.21
CA GLY B 164 -28.76 -12.04 -8.86
C GLY B 164 -28.19 -11.20 -7.73
N GLY B 165 -27.64 -10.03 -7.99
CA GLY B 165 -27.07 -9.27 -6.89
C GLY B 165 -28.12 -8.37 -6.28
N SER B 166 -27.94 -7.95 -5.03
CA SER B 166 -28.87 -6.99 -4.43
C SER B 166 -28.13 -5.90 -3.69
N ALA B 167 -28.70 -4.70 -3.80
CA ALA B 167 -28.21 -3.56 -3.05
C ALA B 167 -29.38 -3.00 -2.28
N THR B 168 -29.15 -2.67 -1.02
CA THR B 168 -30.15 -2.04 -0.16
C THR B 168 -29.56 -0.80 0.47
N ASP B 169 -30.39 0.25 0.58
CA ASP B 169 -30.02 1.50 1.24
C ASP B 169 -28.80 2.15 0.60
N THR B 170 -28.69 2.10 -0.71
CA THR B 170 -27.56 2.72 -1.39
C THR B 170 -27.81 4.21 -1.44
N VAL B 171 -26.75 4.97 -1.23
CA VAL B 171 -26.74 6.42 -1.38
C VAL B 171 -25.88 6.82 -2.58
N LEU B 172 -26.49 7.52 -3.52
CA LEU B 172 -25.81 8.09 -4.65
C LEU B 172 -25.62 9.59 -4.54
N ASN B 173 -24.36 10.00 -4.50
CA ASN B 173 -23.99 11.42 -4.47
C ASN B 173 -23.52 11.94 -5.82
N ASN B 174 -23.00 13.17 -5.88
CA ASN B 174 -22.80 13.89 -7.15
C ASN B 174 -21.84 13.23 -8.14
N THR B 175 -22.44 12.69 -9.20
CA THR B 175 -21.83 11.93 -10.29
C THR B 175 -21.55 10.50 -9.83
N GLY B 176 -21.98 10.14 -8.62
CA GLY B 176 -22.15 8.74 -8.26
C GLY B 176 -23.15 8.04 -9.18
N ARG B 177 -22.83 6.81 -9.58
CA ARG B 177 -23.72 6.05 -10.50
C ARG B 177 -23.97 4.63 -9.99
N GLN B 178 -25.21 4.20 -10.09
CA GLN B 178 -25.58 2.82 -9.85
C GLN B 178 -26.21 2.25 -11.09
N PHE B 179 -25.67 1.10 -11.48
CA PHE B 179 -26.14 0.46 -12.68
C PHE B 179 -26.80 -0.84 -12.26
N VAL B 180 -28.10 -0.95 -12.48
CA VAL B 180 -28.82 -2.18 -12.13
C VAL B 180 -29.21 -2.94 -13.41
N SER B 181 -28.53 -4.05 -13.65
CA SER B 181 -28.72 -4.86 -14.85
C SER B 181 -29.78 -5.95 -14.65
N SER B 182 -30.10 -6.68 -15.72
CA SER B 182 -31.14 -7.71 -15.60
C SER B 182 -30.83 -8.70 -14.48
N GLY B 183 -31.84 -8.99 -13.68
CA GLY B 183 -31.69 -9.94 -12.57
C GLY B 183 -31.16 -9.25 -11.34
N GLY B 184 -30.74 -7.99 -11.47
CA GLY B 184 -30.19 -7.29 -10.33
C GLY B 184 -31.33 -6.54 -9.69
N SER B 185 -31.19 -6.24 -8.41
CA SER B 185 -32.26 -5.62 -7.65
C SER B 185 -31.72 -4.58 -6.66
N ALA B 186 -32.39 -3.44 -6.60
CA ALA B 186 -31.97 -2.39 -5.70
C ALA B 186 -33.18 -1.93 -4.90
N ALA B 187 -32.98 -1.76 -3.59
CA ALA B 187 -34.08 -1.43 -2.70
C ALA B 187 -33.63 -0.23 -1.90
N LYS B 188 -34.54 0.71 -1.81
CA LYS B 188 -34.37 1.86 -0.95
C LYS B 188 -33.13 2.67 -1.30
N THR B 189 -32.97 2.96 -2.59
CA THR B 189 -31.88 3.83 -3.01
C THR B 189 -32.30 5.26 -2.72
N THR B 190 -31.35 6.02 -2.20
CA THR B 190 -31.44 7.45 -2.10
C THR B 190 -30.61 8.10 -3.20
N ILE B 191 -31.24 8.90 -4.05
CA ILE B 191 -30.53 9.61 -5.12
C ILE B 191 -30.35 11.10 -4.86
N ASN B 192 -29.18 11.47 -4.37
CA ASN B 192 -28.87 12.88 -4.10
C ASN B 192 -28.50 13.61 -5.36
N SER B 193 -28.20 14.89 -5.18
CA SER B 193 -27.98 15.75 -6.32
C SER B 193 -26.79 15.25 -7.17
N GLY B 194 -27.02 15.11 -8.47
CA GLY B 194 -26.00 14.61 -9.37
C GLY B 194 -25.89 13.09 -9.36
N GLY B 195 -26.64 12.37 -8.55
CA GLY B 195 -26.58 10.92 -8.60
C GLY B 195 -27.41 10.39 -9.76
N GLY B 196 -27.04 9.23 -10.27
CA GLY B 196 -27.69 8.62 -11.45
C GLY B 196 -27.87 7.15 -11.12
N TYR B 198 -29.36 3.85 -13.00
CA TYR B 198 -29.71 3.36 -14.33
C TYR B 198 -30.24 1.94 -14.20
N LEU B 199 -31.47 1.75 -14.67
CA LEU B 199 -32.06 0.44 -14.66
C LEU B 199 -31.96 -0.11 -16.08
N TYR B 200 -30.90 -0.88 -16.30
CA TYR B 200 -30.69 -1.53 -17.59
C TYR B 200 -31.23 -2.94 -17.56
N GLY B 201 -32.55 -3.07 -17.44
CA GLY B 201 -33.15 -4.38 -17.30
C GLY B 201 -33.40 -4.75 -15.86
N GLY B 202 -32.77 -4.02 -14.95
CA GLY B 202 -32.96 -4.29 -13.53
C GLY B 202 -34.19 -3.69 -12.89
N SER B 203 -34.40 -4.11 -11.65
CA SER B 203 -35.58 -3.79 -10.87
C SER B 203 -35.27 -2.87 -9.70
N ALA B 204 -36.10 -1.87 -9.47
CA ALA B 204 -35.88 -1.03 -8.29
C ALA B 204 -37.17 -0.80 -7.51
N THR B 205 -37.06 -0.80 -6.19
CA THR B 205 -38.21 -0.49 -5.35
C THR B 205 -37.83 0.49 -4.25
N GLY B 206 -38.75 1.41 -3.96
CA GLY B 206 -38.60 2.26 -2.78
C GLY B 206 -37.53 3.31 -3.00
N THR B 207 -37.43 3.85 -4.21
CA THR B 207 -36.37 4.82 -4.47
C THR B 207 -36.85 6.21 -4.06
N SER B 208 -35.93 6.98 -3.47
CA SER B 208 -36.15 8.40 -3.22
C SER B 208 -35.27 9.25 -4.13
N ILE B 209 -35.88 10.12 -4.93
CA ILE B 209 -35.15 11.01 -5.83
C ILE B 209 -35.21 12.46 -5.39
N TYR B 210 -34.14 12.93 -4.76
CA TYR B 210 -34.05 14.30 -4.27
C TYR B 210 -33.56 15.25 -5.34
N ASN B 211 -33.54 16.53 -4.97
CA ASN B 211 -33.09 17.58 -5.89
C ASN B 211 -31.83 17.19 -6.64
N GLY B 212 -31.90 17.29 -7.97
CA GLY B 212 -30.80 17.03 -8.86
C GLY B 212 -30.44 15.56 -8.99
N GLY B 213 -31.25 14.64 -8.47
CA GLY B 213 -31.01 13.22 -8.69
C GLY B 213 -31.83 12.71 -9.86
N ARG B 214 -31.34 11.62 -10.44
CA ARG B 214 -32.04 11.12 -11.62
C ARG B 214 -32.10 9.61 -11.58
N GLN B 215 -33.29 9.10 -11.90
CA GLN B 215 -33.42 7.68 -12.18
C GLN B 215 -33.72 7.50 -13.66
N TYR B 216 -32.95 6.64 -14.31
CA TYR B 216 -33.10 6.38 -15.74
C TYR B 216 -33.59 4.94 -15.95
N VAL B 217 -34.82 4.80 -16.43
CA VAL B 217 -35.45 3.49 -16.54
C VAL B 217 -35.47 3.03 -17.99
N SER B 218 -34.55 2.13 -18.34
CA SER B 218 -34.36 1.76 -19.74
C SER B 218 -34.98 0.41 -20.04
N SER B 219 -34.78 -0.05 -21.27
CA SER B 219 -35.50 -1.21 -21.79
C SER B 219 -35.44 -2.39 -20.85
N GLY B 220 -36.60 -2.90 -20.45
CA GLY B 220 -36.65 -4.04 -19.54
C GLY B 220 -36.62 -3.63 -18.09
N GLY B 221 -36.19 -2.41 -17.81
CA GLY B 221 -36.02 -1.95 -16.43
C GLY B 221 -37.36 -1.68 -15.79
N SER B 222 -37.42 -1.83 -14.47
CA SER B 222 -38.71 -1.66 -13.83
C SER B 222 -38.52 -0.97 -12.50
N ALA B 223 -39.37 0.00 -12.18
CA ALA B 223 -39.28 0.61 -10.87
C ALA B 223 -40.64 0.69 -10.22
N THR B 224 -40.66 0.55 -8.90
CA THR B 224 -41.89 0.49 -8.14
C THR B 224 -41.70 1.33 -6.90
N ASN B 225 -42.70 2.13 -6.55
CA ASN B 225 -42.65 2.88 -5.30
C ASN B 225 -41.47 3.84 -5.28
N THR B 226 -41.61 4.86 -6.12
CA THR B 226 -40.58 5.87 -6.26
C THR B 226 -41.18 7.18 -5.80
N THR B 227 -40.43 7.93 -4.99
CA THR B 227 -40.86 9.27 -4.62
C THR B 227 -39.88 10.23 -5.24
N VAL B 228 -40.42 11.18 -5.98
CA VAL B 228 -39.64 12.16 -6.73
C VAL B 228 -39.91 13.53 -6.16
N TYR B 229 -38.92 14.11 -5.51
CA TYR B 229 -39.07 15.38 -4.82
C TYR B 229 -38.67 16.51 -5.74
N SER B 230 -38.78 17.73 -5.25
CA SER B 230 -38.47 18.86 -6.13
C SER B 230 -37.07 18.75 -6.73
N GLY B 231 -37.00 18.92 -8.04
CA GLY B 231 -35.76 18.90 -8.80
C GLY B 231 -35.24 17.52 -9.15
N GLY B 232 -35.92 16.46 -8.69
CA GLY B 232 -35.56 15.08 -9.01
C GLY B 232 -36.27 14.74 -10.31
N ARG B 233 -35.78 13.73 -11.00
CA ARG B 233 -36.44 13.28 -12.21
C ARG B 233 -36.41 11.77 -12.29
N GLN B 234 -37.57 11.19 -12.61
CA GLN B 234 -37.65 9.79 -13.00
C GLN B 234 -37.89 9.80 -14.51
N HIS B 235 -36.91 9.27 -15.23
CA HIS B 235 -36.85 9.38 -16.68
C HIS B 235 -37.05 8.01 -17.25
N VAL B 236 -38.17 7.82 -17.95
CA VAL B 236 -38.54 6.53 -18.50
C VAL B 236 -38.36 6.54 -20.01
N TYR B 237 -37.54 5.61 -20.47
CA TYR B 237 -37.28 5.45 -21.90
C TYR B 237 -38.05 4.29 -22.48
N ILE B 238 -37.85 4.09 -23.77
CA ILE B 238 -38.59 3.06 -24.49
C ILE B 238 -38.36 1.68 -23.84
N ASP B 239 -39.46 0.95 -23.62
CA ASP B 239 -39.46 -0.38 -23.00
C ASP B 239 -39.07 -0.43 -21.52
N GLY B 240 -39.03 0.74 -20.89
CA GLY B 240 -38.96 0.76 -19.42
C GLY B 240 -40.35 0.93 -18.82
N ASN B 241 -40.52 0.43 -17.60
CA ASN B 241 -41.80 0.53 -16.91
C ASN B 241 -41.66 1.07 -15.51
N VAL B 242 -42.56 1.95 -15.11
CA VAL B 242 -42.61 2.32 -13.70
C VAL B 242 -44.03 2.27 -13.17
N THR B 243 -44.12 1.95 -11.88
CA THR B 243 -45.42 1.98 -11.25
C THR B 243 -45.28 2.55 -9.83
N GLU B 244 -46.33 3.23 -9.40
CA GLU B 244 -46.46 3.81 -8.08
C GLU B 244 -45.35 4.84 -7.85
N THR B 245 -45.24 5.74 -8.82
CA THR B 245 -44.40 6.93 -8.66
C THR B 245 -45.21 8.05 -8.02
N THR B 246 -44.74 8.61 -6.92
CA THR B 246 -45.32 9.80 -6.34
C THR B 246 -44.45 10.99 -6.77
N ILE B 247 -45.02 11.94 -7.51
CA ILE B 247 -44.32 13.18 -7.85
C ILE B 247 -44.75 14.31 -6.91
N THR B 248 -43.83 14.81 -6.10
CA THR B 248 -44.16 15.97 -5.27
C THR B 248 -43.91 17.24 -6.05
N SER B 249 -44.32 18.36 -5.46
CA SER B 249 -44.22 19.61 -6.19
C SER B 249 -42.79 19.92 -6.61
N GLY B 250 -42.60 20.11 -7.91
CA GLY B 250 -41.32 20.46 -8.52
C GLY B 250 -40.53 19.23 -8.94
N GLY B 251 -41.05 18.04 -8.63
CA GLY B 251 -40.51 16.79 -9.13
C GLY B 251 -40.98 16.58 -10.55
N LEU B 253 -41.77 13.51 -13.67
CA LEU B 253 -41.81 12.20 -14.32
C LEU B 253 -41.82 12.48 -15.81
N GLN B 254 -40.80 11.97 -16.51
CA GLN B 254 -40.66 12.14 -17.95
C GLN B 254 -40.62 10.78 -18.61
N VAL B 255 -41.66 10.53 -19.41
CA VAL B 255 -41.85 9.28 -20.13
C VAL B 255 -41.68 9.59 -21.60
N GLU B 256 -40.63 9.02 -22.17
CA GLU B 256 -40.42 9.06 -23.61
C GLU B 256 -41.34 8.06 -24.32
N ALA B 257 -41.41 8.21 -25.64
CA ALA B 257 -42.36 7.43 -26.44
C ALA B 257 -41.97 5.97 -26.36
N GLY B 258 -42.95 5.13 -26.06
CA GLY B 258 -42.66 3.73 -25.79
C GLY B 258 -42.32 3.42 -24.33
N GLY B 259 -42.30 4.43 -23.48
CA GLY B 259 -42.17 4.19 -22.06
C GLY B 259 -43.43 3.53 -21.53
N SER B 260 -43.46 3.19 -20.25
CA SER B 260 -44.64 2.57 -19.66
C SER B 260 -44.67 2.69 -18.13
N ALA B 261 -45.67 3.41 -17.63
CA ALA B 261 -45.84 3.60 -16.19
C ALA B 261 -47.29 3.33 -15.78
N SER B 262 -47.61 3.63 -14.53
CA SER B 262 -48.95 3.39 -14.01
C SER B 262 -48.99 3.65 -12.51
N LYS B 263 -50.21 3.89 -12.01
CA LYS B 263 -50.44 4.26 -10.63
C LYS B 263 -49.51 5.39 -10.18
N VAL B 264 -49.54 6.43 -11.01
CA VAL B 264 -48.88 7.69 -10.73
C VAL B 264 -49.71 8.54 -9.77
N ILE B 265 -49.07 8.95 -8.68
CA ILE B 265 -49.60 9.97 -7.79
C ILE B 265 -48.93 11.31 -8.09
N GLN B 266 -49.65 12.22 -8.74
CA GLN B 266 -49.13 13.52 -9.11
C GLN B 266 -49.64 14.60 -8.18
N ASN B 267 -48.82 15.02 -7.23
CA ASN B 267 -49.22 16.10 -6.35
C ASN B 267 -49.23 17.39 -7.16
N SER B 268 -49.96 18.38 -6.64
CA SER B 268 -50.04 19.66 -7.29
C SER B 268 -48.65 20.30 -7.35
N GLY B 269 -48.25 20.70 -8.56
CA GLY B 269 -46.93 21.22 -8.88
C GLY B 269 -45.94 20.15 -9.32
N GLY B 270 -46.31 18.86 -9.24
CA GLY B 270 -45.48 17.76 -9.74
C GLY B 270 -45.72 17.63 -11.23
N ALA B 271 -44.64 17.57 -12.01
CA ALA B 271 -44.68 17.61 -13.46
C ALA B 271 -44.68 16.23 -14.09
N VAL B 272 -45.53 16.07 -15.10
CA VAL B 272 -45.54 14.85 -15.88
C VAL B 272 -45.52 15.28 -17.34
N ILE B 273 -44.54 14.69 -17.99
CA ILE B 273 -44.25 14.90 -19.40
C ILE B 273 -44.37 13.56 -20.10
N THR B 274 -45.21 13.57 -21.13
CA THR B 274 -45.45 12.41 -21.99
C THR B 274 -45.29 12.80 -23.44
N ASN B 275 -45.05 11.80 -24.27
CA ASN B 275 -44.95 11.99 -25.71
C ASN B 275 -45.82 11.00 -26.50
N THR B 276 -46.84 10.51 -25.82
CA THR B 276 -47.68 9.44 -26.33
C THR B 276 -48.88 9.44 -25.39
N SER B 277 -50.06 9.27 -25.97
CA SER B 277 -51.31 9.29 -25.22
C SER B 277 -51.49 8.06 -24.34
N ALA B 278 -50.82 6.96 -24.67
CA ALA B 278 -50.94 5.75 -23.85
C ALA B 278 -49.93 5.67 -22.71
N ALA B 279 -49.12 6.70 -22.52
CA ALA B 279 -47.92 6.61 -21.70
C ALA B 279 -48.20 6.45 -20.21
N VAL B 280 -49.20 7.15 -19.69
CA VAL B 280 -49.40 7.24 -18.24
C VAL B 280 -50.80 6.86 -17.76
N SER B 281 -50.86 6.20 -16.60
CA SER B 281 -52.10 6.03 -15.83
C SER B 281 -51.99 6.64 -14.44
N GLY B 282 -52.81 7.66 -14.17
CA GLY B 282 -52.88 8.31 -12.86
C GLY B 282 -53.78 7.59 -11.87
#